data_2BRI
#
_entry.id   2BRI
#
_cell.length_a   146.684
_cell.length_b   146.684
_cell.length_c   146.684
_cell.angle_alpha   90.00
_cell.angle_beta   90.00
_cell.angle_gamma   90.00
#
_symmetry.space_group_name_H-M   'I 2 3'
#
loop_
_entity.id
_entity.type
_entity.pdbx_description
1 polymer 'URIDYLATE KINASE'
2 non-polymer 'PHOSPHOAMINOPHOSPHONIC ACID-ADENYLATE ESTER'
3 non-polymer 'MAGNESIUM ION'
4 water water
#
_entity_poly.entity_id   1
_entity_poly.type   'polypeptide(L)'
_entity_poly.pdbx_seq_one_letter_code
;(MSE)RIVFDIGGSVLVPENPDIDFIKEIAYQLTKVSEDHEVAVVVGGGKLARKYIEVAEKFNSSETFKDFIGIQITRAN
A(MSE)LLIAALREKAYPVVVEDFWEAWKAVQLKKIPV(MSE)GGTHPGHTTDAVAALLAEFLKADLLVVITNVDGVYTA
DPKKDPTAKKIKK(MSE)KPEELLEIVGKGIEKAGSSSVIDPLAAKIIARSGIKTIVIGKEDAKDLFRVIKGDHNGTTIE
P
;
_entity_poly.pdbx_strand_id   A,B
#
loop_
_chem_comp.id
_chem_comp.type
_chem_comp.name
_chem_comp.formula
ANP non-polymer 'PHOSPHOAMINOPHOSPHONIC ACID-ADENYLATE ESTER' 'C10 H17 N6 O12 P3'
MG non-polymer 'MAGNESIUM ION' 'Mg 2'
#
# COMPACT_ATOMS: atom_id res chain seq x y z
N MSE A 1 -30.38 4.38 -11.19
CA MSE A 1 -29.68 5.38 -10.34
C MSE A 1 -28.17 5.17 -10.32
O MSE A 1 -27.68 4.04 -10.35
CB MSE A 1 -30.20 5.33 -8.90
CG MSE A 1 -31.68 5.63 -8.74
SE MSE A 1 -32.20 5.56 -6.88
CE MSE A 1 -32.80 3.71 -6.77
N ARG A 2 -27.43 6.28 -10.27
CA ARG A 2 -25.98 6.25 -10.20
C ARG A 2 -25.64 6.48 -8.74
N ILE A 3 -24.96 5.50 -8.13
CA ILE A 3 -24.62 5.57 -6.72
C ILE A 3 -23.14 5.47 -6.42
N VAL A 4 -22.69 6.24 -5.43
CA VAL A 4 -21.29 6.23 -4.99
C VAL A 4 -21.17 5.70 -3.56
N PHE A 5 -20.27 4.73 -3.36
CA PHE A 5 -20.06 4.15 -2.04
C PHE A 5 -18.70 4.53 -1.46
N ASP A 6 -18.74 5.24 -0.33
CA ASP A 6 -17.53 5.68 0.36
C ASP A 6 -17.30 4.75 1.57
N ILE A 7 -16.61 3.65 1.32
CA ILE A 7 -16.33 2.63 2.34
C ILE A 7 -15.12 2.93 3.23
N GLY A 8 -15.40 3.33 4.46
CA GLY A 8 -14.32 3.64 5.40
C GLY A 8 -13.31 2.52 5.52
N GLY A 9 -12.03 2.86 5.40
CA GLY A 9 -10.98 1.86 5.50
C GLY A 9 -11.05 1.05 6.77
N SER A 10 -11.33 1.72 7.89
CA SER A 10 -11.44 1.02 9.17
C SER A 10 -12.42 -0.14 9.03
N VAL A 11 -13.45 0.04 8.22
CA VAL A 11 -14.45 -0.99 8.03
C VAL A 11 -13.93 -2.13 7.16
N LEU A 12 -13.24 -1.76 6.09
CA LEU A 12 -12.71 -2.75 5.16
C LEU A 12 -11.50 -3.49 5.75
N VAL A 13 -10.62 -2.75 6.39
CA VAL A 13 -9.43 -3.31 7.01
C VAL A 13 -9.32 -2.76 8.42
N PRO A 14 -10.05 -3.37 9.37
CA PRO A 14 -10.07 -2.98 10.78
C PRO A 14 -8.66 -3.02 11.33
N GLU A 15 -8.08 -4.22 11.27
CA GLU A 15 -6.72 -4.50 11.71
C GLU A 15 -6.08 -5.06 10.44
N ASN A 16 -6.56 -6.24 10.05
CA ASN A 16 -6.12 -6.93 8.83
C ASN A 16 -7.29 -6.81 7.87
N PRO A 17 -7.15 -7.37 6.66
CA PRO A 17 -8.29 -7.26 5.76
C PRO A 17 -9.44 -8.14 6.26
N ASP A 18 -10.63 -7.55 6.38
CA ASP A 18 -11.80 -8.29 6.83
C ASP A 18 -12.34 -9.11 5.65
N ILE A 19 -11.68 -10.23 5.38
CA ILE A 19 -12.04 -11.11 4.27
C ILE A 19 -13.54 -11.27 4.10
N ASP A 20 -14.21 -11.67 5.18
CA ASP A 20 -15.65 -11.90 5.12
C ASP A 20 -16.40 -10.66 4.68
N PHE A 21 -16.22 -9.55 5.39
CA PHE A 21 -16.91 -8.33 5.01
C PHE A 21 -16.66 -7.99 3.54
N ILE A 22 -15.43 -8.17 3.11
CA ILE A 22 -15.07 -7.89 1.73
C ILE A 22 -15.95 -8.70 0.78
N LYS A 23 -15.99 -10.01 1.01
CA LYS A 23 -16.78 -10.91 0.18
C LYS A 23 -18.23 -10.50 0.17
N GLU A 24 -18.71 -10.05 1.33
CA GLU A 24 -20.09 -9.63 1.48
C GLU A 24 -20.37 -8.35 0.70
N ILE A 25 -19.66 -7.28 1.06
CA ILE A 25 -19.87 -6.01 0.40
C ILE A 25 -19.68 -6.17 -1.10
N ALA A 26 -18.73 -7.00 -1.51
CA ALA A 26 -18.48 -7.22 -2.93
C ALA A 26 -19.77 -7.77 -3.51
N TYR A 27 -20.28 -8.83 -2.89
CA TYR A 27 -21.51 -9.48 -3.30
C TYR A 27 -22.66 -8.49 -3.38
N GLN A 28 -22.79 -7.66 -2.34
CA GLN A 28 -23.85 -6.67 -2.27
C GLN A 28 -23.69 -5.69 -3.41
N LEU A 29 -22.46 -5.23 -3.62
CA LEU A 29 -22.15 -4.28 -4.69
C LEU A 29 -22.47 -4.90 -6.03
N THR A 30 -21.87 -6.05 -6.31
CA THR A 30 -22.10 -6.75 -7.57
C THR A 30 -23.61 -6.84 -7.81
N LYS A 31 -24.34 -6.94 -6.71
CA LYS A 31 -25.79 -7.04 -6.74
C LYS A 31 -26.37 -5.71 -7.21
N VAL A 32 -26.09 -4.64 -6.47
CA VAL A 32 -26.61 -3.32 -6.80
C VAL A 32 -26.25 -2.81 -8.21
N SER A 33 -25.08 -3.19 -8.71
CA SER A 33 -24.65 -2.74 -10.04
C SER A 33 -25.49 -3.37 -11.14
N GLU A 34 -26.23 -4.43 -10.82
CA GLU A 34 -27.05 -5.09 -11.82
C GLU A 34 -28.03 -4.13 -12.50
N ASP A 35 -28.50 -3.14 -11.76
CA ASP A 35 -29.43 -2.18 -12.33
C ASP A 35 -29.18 -0.76 -11.84
N HIS A 36 -27.91 -0.44 -11.64
CA HIS A 36 -27.48 0.89 -11.20
C HIS A 36 -26.03 1.11 -11.63
N GLU A 37 -25.62 2.37 -11.64
CA GLU A 37 -24.24 2.70 -11.99
C GLU A 37 -23.57 2.85 -10.64
N VAL A 38 -22.44 2.17 -10.45
CA VAL A 38 -21.77 2.23 -9.15
C VAL A 38 -20.29 2.61 -9.14
N ALA A 39 -19.96 3.57 -8.28
CA ALA A 39 -18.59 4.01 -8.13
C ALA A 39 -18.25 3.86 -6.65
N VAL A 40 -17.04 3.39 -6.36
CA VAL A 40 -16.64 3.21 -4.96
C VAL A 40 -15.36 3.95 -4.64
N VAL A 41 -15.19 4.28 -3.37
CA VAL A 41 -13.98 4.95 -2.88
C VAL A 41 -13.65 4.26 -1.55
N VAL A 42 -12.45 3.71 -1.46
CA VAL A 42 -12.05 2.98 -0.25
C VAL A 42 -11.09 3.74 0.65
N GLY A 43 -11.22 3.52 1.95
CA GLY A 43 -10.36 4.20 2.90
C GLY A 43 -9.07 3.47 3.25
N GLY A 44 -8.14 4.21 3.83
CA GLY A 44 -6.85 3.65 4.23
C GLY A 44 -6.95 2.81 5.49
N GLY A 45 -7.64 3.32 6.50
CA GLY A 45 -7.81 2.58 7.73
C GLY A 45 -6.62 2.56 8.70
N LYS A 46 -6.61 1.51 9.53
CA LYS A 46 -5.57 1.31 10.54
C LYS A 46 -4.19 1.31 9.92
N LEU A 47 -4.00 0.41 8.95
CA LEU A 47 -2.72 0.27 8.25
C LEU A 47 -2.21 1.60 7.71
N ALA A 48 -3.11 2.43 7.20
CA ALA A 48 -2.72 3.73 6.67
C ALA A 48 -2.12 4.56 7.80
N ARG A 49 -2.85 4.67 8.91
CA ARG A 49 -2.39 5.43 10.08
C ARG A 49 -0.98 5.04 10.54
N LYS A 50 -0.71 3.74 10.60
CA LYS A 50 0.60 3.27 11.04
C LYS A 50 1.72 3.76 10.12
N TYR A 51 1.53 3.63 8.81
CA TYR A 51 2.57 4.08 7.90
C TYR A 51 2.76 5.59 8.02
N ILE A 52 1.67 6.31 8.24
CA ILE A 52 1.73 7.76 8.39
C ILE A 52 2.61 8.10 9.58
N GLU A 53 2.42 7.38 10.69
CA GLU A 53 3.19 7.61 11.90
C GLU A 53 4.69 7.54 11.66
N VAL A 54 5.16 6.44 11.10
CA VAL A 54 6.59 6.28 10.83
C VAL A 54 7.12 7.53 10.14
N ALA A 55 6.40 7.99 9.11
CA ALA A 55 6.80 9.19 8.38
C ALA A 55 6.88 10.40 9.31
N GLU A 56 5.96 10.47 10.27
N GLU A 56 5.96 10.47 10.27
CA GLU A 56 5.92 11.57 11.23
CA GLU A 56 5.93 11.58 11.23
C GLU A 56 7.21 11.58 12.09
C GLU A 56 7.21 11.58 12.07
N LYS A 57 7.66 10.39 12.46
CA LYS A 57 8.85 10.25 13.26
C LYS A 57 10.09 10.72 12.50
N PHE A 58 9.94 10.97 11.21
CA PHE A 58 11.05 11.44 10.39
C PHE A 58 10.70 12.84 9.90
N ASN A 59 9.70 13.43 10.53
CA ASN A 59 9.19 14.77 10.26
C ASN A 59 8.93 15.11 8.80
N SER A 60 8.29 14.20 8.07
CA SER A 60 8.01 14.46 6.67
C SER A 60 6.81 15.40 6.54
N SER A 61 6.77 16.14 5.45
CA SER A 61 5.68 17.08 5.19
C SER A 61 4.31 16.42 5.14
N GLU A 62 3.27 17.24 5.33
CA GLU A 62 1.90 16.75 5.28
C GLU A 62 1.73 16.07 3.92
N THR A 63 2.16 16.76 2.88
CA THR A 63 2.09 16.24 1.51
C THR A 63 2.67 14.85 1.44
N PHE A 64 3.91 14.70 1.89
CA PHE A 64 4.57 13.41 1.85
C PHE A 64 3.72 12.35 2.55
N LYS A 65 3.22 12.68 3.74
CA LYS A 65 2.40 11.74 4.48
C LYS A 65 1.20 11.29 3.66
N ASP A 66 0.46 12.25 3.13
CA ASP A 66 -0.73 11.97 2.33
C ASP A 66 -0.43 10.95 1.24
N PHE A 67 0.65 11.18 0.50
N PHE A 67 0.66 11.17 0.50
CA PHE A 67 1.06 10.27 -0.56
CA PHE A 67 1.03 10.26 -0.57
C PHE A 67 1.11 8.84 -0.03
C PHE A 67 1.11 8.83 -0.03
N ILE A 68 1.71 8.67 1.15
CA ILE A 68 1.84 7.37 1.76
C ILE A 68 0.44 6.83 2.03
N GLY A 69 -0.38 7.64 2.70
CA GLY A 69 -1.73 7.22 2.99
C GLY A 69 -2.41 6.76 1.72
N ILE A 70 -2.27 7.57 0.68
CA ILE A 70 -2.86 7.26 -0.61
C ILE A 70 -2.38 5.89 -1.08
N GLN A 71 -1.06 5.68 -1.11
CA GLN A 71 -0.53 4.39 -1.53
C GLN A 71 -1.33 3.27 -0.85
N ILE A 72 -1.54 3.41 0.45
CA ILE A 72 -2.28 2.41 1.22
C ILE A 72 -3.76 2.27 0.83
N THR A 73 -4.47 3.37 0.72
CA THR A 73 -5.88 3.31 0.36
C THR A 73 -5.97 2.53 -0.95
N ARG A 74 -5.05 2.80 -1.86
CA ARG A 74 -5.05 2.13 -3.15
C ARG A 74 -4.78 0.64 -2.99
N ALA A 75 -3.98 0.27 -2.00
CA ALA A 75 -3.69 -1.14 -1.75
C ALA A 75 -4.98 -1.80 -1.29
N ASN A 76 -5.77 -1.09 -0.49
CA ASN A 76 -7.04 -1.64 0.00
C ASN A 76 -8.02 -1.71 -1.16
N ALA A 77 -8.13 -0.62 -1.91
CA ALA A 77 -9.02 -0.55 -3.05
C ALA A 77 -8.83 -1.77 -3.95
N MSE A 78 -7.59 -2.17 -4.18
CA MSE A 78 -7.32 -3.31 -5.04
C MSE A 78 -7.84 -4.63 -4.45
O MSE A 78 -8.02 -5.62 -5.18
CB MSE A 78 -5.83 -3.41 -5.32
CG MSE A 78 -5.29 -2.27 -6.18
SE MSE A 78 -3.37 -2.35 -6.46
CE MSE A 78 -3.38 -3.67 -7.88
N LEU A 79 -8.07 -4.66 -3.14
CA LEU A 79 -8.59 -5.87 -2.51
C LEU A 79 -10.04 -6.04 -2.97
N LEU A 80 -10.79 -4.93 -2.97
CA LEU A 80 -12.17 -4.97 -3.40
C LEU A 80 -12.18 -5.27 -4.90
N ILE A 81 -11.39 -4.54 -5.67
CA ILE A 81 -11.30 -4.77 -7.11
C ILE A 81 -11.18 -6.29 -7.34
N ALA A 82 -10.43 -6.94 -6.47
CA ALA A 82 -10.23 -8.39 -6.57
C ALA A 82 -11.53 -9.13 -6.28
N ALA A 83 -12.15 -8.81 -5.15
CA ALA A 83 -13.40 -9.44 -4.74
C ALA A 83 -14.51 -9.22 -5.77
N LEU A 84 -14.55 -8.05 -6.40
CA LEU A 84 -15.59 -7.75 -7.38
C LEU A 84 -15.47 -8.53 -8.71
N ARG A 85 -14.53 -9.47 -8.77
CA ARG A 85 -14.32 -10.29 -9.96
C ARG A 85 -14.32 -9.49 -11.29
N GLU A 86 -15.09 -10.01 -12.24
N GLU A 86 -15.04 -9.99 -12.29
CA GLU A 86 -15.22 -9.42 -13.56
CA GLU A 86 -15.09 -9.29 -13.58
C GLU A 86 -16.27 -8.33 -13.65
C GLU A 86 -16.12 -8.19 -13.66
N LYS A 87 -16.60 -7.71 -12.52
CA LYS A 87 -17.60 -6.64 -12.53
C LYS A 87 -16.98 -5.26 -12.34
N ALA A 88 -15.80 -5.23 -11.73
CA ALA A 88 -15.13 -3.98 -11.45
C ALA A 88 -14.14 -3.59 -12.52
N TYR A 89 -13.83 -2.29 -12.57
CA TYR A 89 -12.86 -1.77 -13.51
C TYR A 89 -11.57 -2.46 -13.05
N PRO A 90 -10.88 -3.15 -13.97
CA PRO A 90 -9.64 -3.92 -13.79
C PRO A 90 -8.61 -3.43 -12.77
N VAL A 91 -8.31 -2.14 -12.80
CA VAL A 91 -7.32 -1.56 -11.91
C VAL A 91 -7.89 -0.41 -11.08
N VAL A 92 -7.13 -0.02 -10.07
CA VAL A 92 -7.53 1.08 -9.20
C VAL A 92 -7.61 2.33 -10.04
N VAL A 93 -8.67 3.10 -9.84
CA VAL A 93 -8.85 4.34 -10.57
C VAL A 93 -8.17 5.44 -9.76
N GLU A 94 -7.57 6.42 -10.43
CA GLU A 94 -6.89 7.49 -9.73
C GLU A 94 -7.48 8.89 -9.94
N ASP A 95 -8.44 9.02 -10.85
CA ASP A 95 -9.07 10.31 -11.07
C ASP A 95 -10.43 10.23 -11.75
N PHE A 96 -11.30 11.12 -11.32
CA PHE A 96 -12.68 11.22 -11.80
C PHE A 96 -13.00 10.89 -13.25
N TRP A 97 -12.36 11.56 -14.19
N TRP A 97 -12.34 11.52 -14.20
CA TRP A 97 -12.66 11.31 -15.60
CA TRP A 97 -12.62 11.23 -15.61
C TRP A 97 -12.37 9.86 -15.99
C TRP A 97 -12.44 9.74 -15.88
N GLU A 98 -11.44 9.22 -15.31
N GLU A 98 -11.35 9.17 -15.37
CA GLU A 98 -11.12 7.83 -15.59
CA GLU A 98 -11.07 7.75 -15.56
C GLU A 98 -12.22 6.98 -14.97
C GLU A 98 -12.18 6.92 -14.92
N ALA A 99 -12.75 7.44 -13.84
CA ALA A 99 -13.81 6.74 -13.13
C ALA A 99 -15.04 6.87 -14.03
N TRP A 100 -15.16 8.02 -14.68
CA TRP A 100 -16.26 8.28 -15.59
C TRP A 100 -16.25 7.22 -16.69
N LYS A 101 -15.08 7.00 -17.28
CA LYS A 101 -14.93 6.02 -18.35
C LYS A 101 -15.39 4.65 -17.87
N ALA A 102 -15.01 4.31 -16.64
CA ALA A 102 -15.39 3.02 -16.07
C ALA A 102 -16.90 2.89 -16.04
N VAL A 103 -17.58 3.95 -15.61
CA VAL A 103 -19.04 3.94 -15.55
C VAL A 103 -19.61 3.71 -16.95
N GLN A 104 -19.04 4.40 -17.93
CA GLN A 104 -19.48 4.24 -19.31
C GLN A 104 -19.42 2.78 -19.73
N LEU A 105 -18.30 2.13 -19.43
CA LEU A 105 -18.12 0.73 -19.79
C LEU A 105 -18.92 -0.22 -18.90
N LYS A 106 -19.89 0.35 -18.17
CA LYS A 106 -20.73 -0.43 -17.25
C LYS A 106 -19.90 -1.30 -16.30
N LYS A 107 -18.88 -0.68 -15.71
CA LYS A 107 -18.01 -1.38 -14.78
C LYS A 107 -17.92 -0.58 -13.49
N ILE A 108 -17.52 -1.23 -12.40
CA ILE A 108 -17.45 -0.50 -11.14
C ILE A 108 -16.06 0.04 -10.82
N PRO A 109 -15.90 1.38 -10.90
CA PRO A 109 -14.60 1.98 -10.60
C PRO A 109 -14.38 2.06 -9.10
N VAL A 110 -13.27 1.51 -8.63
CA VAL A 110 -12.96 1.56 -7.20
C VAL A 110 -11.75 2.45 -7.04
N MSE A 111 -11.93 3.51 -6.27
CA MSE A 111 -10.86 4.46 -6.03
C MSE A 111 -10.27 4.42 -4.63
O MSE A 111 -10.95 4.06 -3.66
CB MSE A 111 -11.37 5.88 -6.27
CG MSE A 111 -11.69 6.21 -7.68
SE MSE A 111 -12.16 8.07 -7.74
CE MSE A 111 -10.40 8.80 -8.13
N GLY A 112 -9.00 4.77 -4.55
CA GLY A 112 -8.33 4.85 -3.27
C GLY A 112 -8.40 6.33 -3.08
N GLY A 113 -7.27 6.98 -2.84
CA GLY A 113 -7.29 8.42 -2.69
C GLY A 113 -6.95 8.99 -4.05
N THR A 114 -7.13 10.29 -4.23
CA THR A 114 -6.80 10.90 -5.51
C THR A 114 -5.44 11.55 -5.39
N HIS A 115 -5.41 12.83 -5.05
CA HIS A 115 -4.15 13.54 -4.89
C HIS A 115 -4.06 14.01 -3.44
N PRO A 116 -2.88 14.44 -2.98
CA PRO A 116 -2.72 14.90 -1.60
C PRO A 116 -3.69 16.02 -1.21
N GLY A 117 -4.08 16.03 0.06
CA GLY A 117 -4.97 17.07 0.55
C GLY A 117 -6.45 16.77 0.51
N HIS A 118 -6.83 15.49 0.52
CA HIS A 118 -8.24 15.13 0.48
C HIS A 118 -8.52 13.80 1.15
N THR A 119 -9.40 13.81 2.15
CA THR A 119 -9.79 12.63 2.88
C THR A 119 -10.70 11.80 1.98
N THR A 120 -10.80 10.50 2.23
CA THR A 120 -11.65 9.65 1.40
C THR A 120 -13.09 10.14 1.37
N ASP A 121 -13.54 10.73 2.47
CA ASP A 121 -14.89 11.25 2.54
C ASP A 121 -15.04 12.38 1.52
N ALA A 122 -14.07 13.30 1.52
CA ALA A 122 -14.09 14.43 0.59
C ALA A 122 -13.98 13.93 -0.84
N VAL A 123 -13.04 13.02 -1.08
CA VAL A 123 -12.82 12.46 -2.41
C VAL A 123 -14.11 11.79 -2.90
N ALA A 124 -14.83 11.15 -1.99
CA ALA A 124 -16.07 10.48 -2.35
C ALA A 124 -17.16 11.51 -2.72
N ALA A 125 -17.34 12.51 -1.85
CA ALA A 125 -18.34 13.53 -2.08
C ALA A 125 -18.12 14.24 -3.41
N LEU A 126 -16.85 14.37 -3.79
CA LEU A 126 -16.51 15.03 -5.04
C LEU A 126 -16.73 14.11 -6.24
N LEU A 127 -16.29 12.87 -6.10
CA LEU A 127 -16.46 11.90 -7.18
C LEU A 127 -17.95 11.84 -7.50
N ALA A 128 -18.77 12.08 -6.47
CA ALA A 128 -20.23 12.07 -6.61
C ALA A 128 -20.66 13.26 -7.46
N GLU A 129 -20.32 14.46 -7.02
CA GLU A 129 -20.67 15.66 -7.75
C GLU A 129 -20.26 15.55 -9.21
N PHE A 130 -19.03 15.10 -9.44
CA PHE A 130 -18.50 14.95 -10.78
C PHE A 130 -19.37 14.06 -11.65
N LEU A 131 -19.70 12.88 -11.14
CA LEU A 131 -20.51 11.92 -11.87
C LEU A 131 -21.99 12.30 -11.89
N LYS A 132 -22.34 13.37 -11.17
CA LYS A 132 -23.72 13.82 -11.10
C LYS A 132 -24.56 12.65 -10.60
N ALA A 133 -24.10 12.05 -9.51
CA ALA A 133 -24.77 10.89 -8.92
C ALA A 133 -26.04 11.29 -8.15
N ASP A 134 -26.84 10.28 -7.80
CA ASP A 134 -28.10 10.50 -7.09
C ASP A 134 -27.97 10.34 -5.58
N LEU A 135 -27.11 9.43 -5.15
CA LEU A 135 -26.95 9.17 -3.73
C LEU A 135 -25.52 8.87 -3.33
N LEU A 136 -25.14 9.34 -2.14
CA LEU A 136 -23.82 9.11 -1.59
C LEU A 136 -24.04 8.17 -0.41
N VAL A 137 -23.39 7.02 -0.44
CA VAL A 137 -23.53 6.04 0.65
C VAL A 137 -22.24 5.85 1.43
N VAL A 138 -22.28 6.18 2.73
CA VAL A 138 -21.12 6.07 3.61
C VAL A 138 -21.20 4.91 4.60
N ILE A 139 -20.37 3.90 4.41
CA ILE A 139 -20.34 2.79 5.36
C ILE A 139 -19.20 3.17 6.29
N THR A 140 -19.46 3.13 7.58
CA THR A 140 -18.45 3.50 8.56
C THR A 140 -18.53 2.61 9.79
N ASN A 141 -17.60 2.77 10.71
CA ASN A 141 -17.57 1.98 11.94
C ASN A 141 -18.54 2.52 12.98
N VAL A 142 -19.61 3.16 12.49
CA VAL A 142 -20.64 3.71 13.36
C VAL A 142 -22.04 3.47 12.81
N ASP A 143 -22.98 3.28 13.72
CA ASP A 143 -24.39 3.02 13.42
C ASP A 143 -25.03 4.10 12.52
N GLY A 144 -24.72 5.35 12.81
CA GLY A 144 -25.26 6.45 12.03
C GLY A 144 -24.67 7.77 12.51
N VAL A 145 -25.41 8.86 12.32
CA VAL A 145 -24.94 10.17 12.76
C VAL A 145 -25.61 10.52 14.08
N TYR A 146 -24.81 10.77 15.12
CA TYR A 146 -25.35 11.10 16.43
C TYR A 146 -25.14 12.56 16.81
N THR A 147 -26.06 13.07 17.63
CA THR A 147 -26.01 14.44 18.12
C THR A 147 -24.63 14.77 18.69
N ALA A 148 -23.95 13.73 19.15
CA ALA A 148 -22.61 13.87 19.73
C ALA A 148 -21.89 12.52 19.61
N ASP A 149 -20.59 12.52 19.83
N ASP A 149 -20.60 12.52 19.88
CA ASP A 149 -19.81 11.29 19.73
CA ASP A 149 -19.79 11.31 19.82
C ASP A 149 -20.44 10.20 20.57
C ASP A 149 -20.44 10.18 20.61
N PRO A 150 -20.95 9.15 19.92
CA PRO A 150 -21.60 8.02 20.60
C PRO A 150 -20.66 7.36 21.60
N LYS A 151 -19.38 7.33 21.24
CA LYS A 151 -18.36 6.72 22.07
C LYS A 151 -17.82 7.67 23.14
N LYS A 152 -18.64 8.64 23.54
CA LYS A 152 -18.23 9.60 24.57
C LYS A 152 -19.42 10.21 25.28
N ASP A 153 -19.98 11.26 24.69
CA ASP A 153 -21.12 11.96 25.24
C ASP A 153 -22.32 11.01 25.36
N PRO A 154 -22.77 10.75 26.60
CA PRO A 154 -23.92 9.86 26.85
C PRO A 154 -25.22 10.45 26.32
N THR A 155 -25.30 11.78 26.30
CA THR A 155 -26.47 12.46 25.78
C THR A 155 -26.30 12.60 24.27
N ALA A 156 -26.11 11.46 23.62
CA ALA A 156 -25.91 11.40 22.19
C ALA A 156 -26.92 10.44 21.58
N LYS A 157 -27.79 10.97 20.72
CA LYS A 157 -28.80 10.14 20.07
C LYS A 157 -28.61 10.11 18.55
N LYS A 158 -29.11 9.06 17.90
CA LYS A 158 -28.99 8.93 16.47
C LYS A 158 -30.09 9.70 15.75
N ILE A 159 -29.69 10.51 14.77
CA ILE A 159 -30.62 11.31 13.99
C ILE A 159 -30.95 10.51 12.72
N LYS A 160 -32.23 10.24 12.50
N LYS A 160 -32.23 10.24 12.50
CA LYS A 160 -32.66 9.47 11.33
CA LYS A 160 -32.67 9.47 11.33
C LYS A 160 -32.71 10.26 10.02
C LYS A 160 -32.69 10.26 10.03
N LYS A 161 -32.91 11.57 10.13
CA LYS A 161 -32.98 12.41 8.94
C LYS A 161 -32.65 13.86 9.30
N MSE A 162 -31.84 14.51 8.47
CA MSE A 162 -31.44 15.90 8.71
C MSE A 162 -31.08 16.64 7.44
O MSE A 162 -30.99 16.04 6.36
CB MSE A 162 -30.26 15.95 9.67
CG MSE A 162 -28.97 15.38 9.09
SE MSE A 162 -27.47 15.51 10.31
CE MSE A 162 -27.63 13.78 11.17
N LYS A 163 -30.87 17.94 7.58
CA LYS A 163 -30.49 18.80 6.46
C LYS A 163 -28.98 19.00 6.50
N PRO A 164 -28.35 19.10 5.32
CA PRO A 164 -26.90 19.29 5.23
C PRO A 164 -26.34 20.35 6.18
N GLU A 165 -27.12 21.40 6.43
CA GLU A 165 -26.70 22.49 7.32
C GLU A 165 -26.48 21.97 8.75
N GLU A 166 -27.43 21.17 9.22
CA GLU A 166 -27.34 20.60 10.56
C GLU A 166 -26.15 19.64 10.64
N LEU A 167 -25.94 18.85 9.58
CA LEU A 167 -24.82 17.93 9.55
C LEU A 167 -23.51 18.67 9.74
N LEU A 168 -23.39 19.80 9.05
CA LEU A 168 -22.20 20.63 9.13
C LEU A 168 -21.98 21.08 10.57
N GLU A 169 -23.08 21.21 11.31
CA GLU A 169 -23.01 21.62 12.70
C GLU A 169 -22.46 20.48 13.55
N ILE A 170 -23.22 19.39 13.60
CA ILE A 170 -22.82 18.21 14.36
C ILE A 170 -21.32 18.00 14.17
N VAL A 171 -20.94 17.60 12.96
CA VAL A 171 -19.55 17.33 12.60
C VAL A 171 -18.58 18.44 13.00
N GLY A 172 -18.85 19.67 12.58
CA GLY A 172 -17.97 20.77 12.92
C GLY A 172 -17.88 21.86 11.88
N LYS A 173 -18.26 23.08 12.27
CA LYS A 173 -18.22 24.23 11.37
C LYS A 173 -16.92 25.02 11.47
N GLY A 174 -15.87 24.38 11.98
CA GLY A 174 -14.61 25.07 12.11
C GLY A 174 -13.65 24.86 10.94
N ILE A 175 -13.15 25.96 10.37
CA ILE A 175 -12.20 25.88 9.25
C ILE A 175 -10.86 25.43 9.78
N GLU A 176 -10.89 24.86 10.97
CA GLU A 176 -9.69 24.35 11.63
C GLU A 176 -9.78 22.85 11.54
N LYS A 177 -11.02 22.37 11.54
CA LYS A 177 -11.28 20.94 11.48
C LYS A 177 -11.12 20.49 10.04
N ALA A 178 -10.94 21.45 9.15
CA ALA A 178 -10.77 21.18 7.73
C ALA A 178 -9.69 20.12 7.49
N GLY A 179 -10.13 18.89 7.27
CA GLY A 179 -9.20 17.80 7.03
C GLY A 179 -9.15 16.76 8.14
N SER A 180 -9.97 16.93 9.16
CA SER A 180 -10.00 15.99 10.27
C SER A 180 -10.93 14.83 9.95
N SER A 181 -11.02 13.89 10.88
CA SER A 181 -11.88 12.71 10.72
C SER A 181 -13.16 12.88 11.52
N SER A 182 -14.14 12.02 11.23
CA SER A 182 -15.44 12.04 11.92
C SER A 182 -16.41 11.14 11.15
N VAL A 183 -17.68 11.13 11.57
CA VAL A 183 -18.70 10.32 10.90
C VAL A 183 -18.49 10.67 9.46
N ILE A 184 -18.50 11.97 9.21
CA ILE A 184 -18.26 12.53 7.91
C ILE A 184 -17.24 13.62 8.19
N ASP A 185 -16.14 13.56 7.48
CA ASP A 185 -15.08 14.53 7.67
C ASP A 185 -15.56 15.93 7.33
N PRO A 186 -15.25 16.91 8.20
CA PRO A 186 -15.63 18.31 8.04
C PRO A 186 -15.63 18.85 6.60
N LEU A 187 -14.56 18.62 5.85
CA LEU A 187 -14.52 19.12 4.48
C LEU A 187 -15.55 18.43 3.58
N ALA A 188 -15.71 17.11 3.74
CA ALA A 188 -16.68 16.38 2.94
C ALA A 188 -18.08 16.84 3.32
N ALA A 189 -18.31 16.97 4.62
CA ALA A 189 -19.61 17.42 5.11
C ALA A 189 -19.93 18.77 4.49
N LYS A 190 -18.90 19.59 4.30
CA LYS A 190 -19.06 20.91 3.71
C LYS A 190 -19.57 20.72 2.29
N ILE A 191 -18.78 20.00 1.49
CA ILE A 191 -19.12 19.72 0.10
C ILE A 191 -20.55 19.20 -0.01
N ILE A 192 -20.91 18.23 0.83
CA ILE A 192 -22.25 17.65 0.81
C ILE A 192 -23.32 18.73 0.92
N ALA A 193 -23.02 19.78 1.69
CA ALA A 193 -23.95 20.88 1.84
C ALA A 193 -24.00 21.58 0.49
N ARG A 194 -22.84 22.08 0.05
CA ARG A 194 -22.76 22.78 -1.23
C ARG A 194 -23.43 21.99 -2.35
N SER A 195 -23.13 20.70 -2.42
CA SER A 195 -23.70 19.83 -3.45
C SER A 195 -25.14 19.42 -3.15
N GLY A 196 -25.50 19.39 -1.88
CA GLY A 196 -26.84 19.02 -1.51
C GLY A 196 -27.21 17.64 -2.00
N ILE A 197 -26.22 16.78 -2.12
CA ILE A 197 -26.44 15.41 -2.58
C ILE A 197 -26.93 14.56 -1.41
N LYS A 198 -27.98 13.78 -1.67
CA LYS A 198 -28.54 12.91 -0.65
C LYS A 198 -27.47 11.91 -0.20
N THR A 199 -27.23 11.87 1.11
CA THR A 199 -26.23 10.96 1.65
C THR A 199 -26.83 10.07 2.73
N ILE A 200 -26.35 8.84 2.79
CA ILE A 200 -26.83 7.89 3.79
C ILE A 200 -25.63 7.44 4.61
N VAL A 201 -25.70 7.63 5.92
CA VAL A 201 -24.63 7.23 6.81
C VAL A 201 -25.02 5.94 7.55
N ILE A 202 -24.58 4.80 7.03
CA ILE A 202 -24.90 3.52 7.65
C ILE A 202 -23.65 2.91 8.29
N GLY A 203 -23.79 1.67 8.77
CA GLY A 203 -22.68 0.99 9.39
C GLY A 203 -22.45 -0.39 8.79
N LYS A 204 -21.50 -1.11 9.37
CA LYS A 204 -21.13 -2.45 8.93
C LYS A 204 -22.31 -3.43 8.89
N GLU A 205 -23.39 -3.10 9.60
CA GLU A 205 -24.57 -3.96 9.63
C GLU A 205 -25.46 -3.76 8.40
N ASP A 206 -25.99 -2.54 8.28
CA ASP A 206 -26.87 -2.19 7.16
C ASP A 206 -26.23 -2.51 5.80
N ALA A 207 -24.91 -2.41 5.74
CA ALA A 207 -24.17 -2.68 4.51
C ALA A 207 -24.39 -4.10 4.00
N LYS A 208 -24.96 -4.95 4.83
CA LYS A 208 -25.19 -6.34 4.48
C LYS A 208 -26.33 -6.54 3.46
N ASP A 209 -27.22 -5.56 3.35
CA ASP A 209 -28.33 -5.63 2.41
C ASP A 209 -28.47 -4.24 1.78
N LEU A 210 -27.62 -3.96 0.81
CA LEU A 210 -27.62 -2.66 0.14
C LEU A 210 -28.93 -2.31 -0.56
N PHE A 211 -29.66 -3.33 -1.00
CA PHE A 211 -30.92 -3.10 -1.69
C PHE A 211 -31.89 -2.30 -0.84
N ARG A 212 -31.93 -2.60 0.47
CA ARG A 212 -32.82 -1.89 1.37
C ARG A 212 -32.22 -0.55 1.74
N VAL A 213 -30.90 -0.52 1.88
CA VAL A 213 -30.19 0.70 2.21
C VAL A 213 -30.51 1.73 1.13
N ILE A 214 -30.44 1.29 -0.12
CA ILE A 214 -30.72 2.14 -1.27
C ILE A 214 -32.14 2.69 -1.28
N LYS A 215 -33.11 1.83 -1.00
CA LYS A 215 -34.50 2.22 -1.01
C LYS A 215 -35.03 2.80 0.29
N GLY A 216 -34.13 3.05 1.24
CA GLY A 216 -34.53 3.63 2.51
C GLY A 216 -34.75 2.68 3.67
N ASP A 217 -35.12 1.43 3.35
CA ASP A 217 -35.38 0.42 4.36
C ASP A 217 -34.11 0.06 5.17
N HIS A 218 -33.44 1.09 5.69
CA HIS A 218 -32.22 0.92 6.48
C HIS A 218 -32.34 1.60 7.85
N ASN A 219 -31.32 1.48 8.68
CA ASN A 219 -31.35 2.08 10.01
C ASN A 219 -30.27 3.13 10.23
N GLY A 220 -29.96 3.88 9.19
CA GLY A 220 -28.92 4.89 9.31
C GLY A 220 -29.46 6.31 9.29
N THR A 221 -28.59 7.23 8.89
CA THR A 221 -28.93 8.63 8.79
C THR A 221 -29.08 8.97 7.32
N THR A 222 -29.92 9.94 7.02
CA THR A 222 -30.12 10.36 5.65
C THR A 222 -29.94 11.87 5.65
N ILE A 223 -29.15 12.37 4.71
CA ILE A 223 -28.89 13.79 4.62
C ILE A 223 -29.33 14.30 3.25
N GLU A 224 -30.09 15.38 3.25
CA GLU A 224 -30.59 15.99 2.02
C GLU A 224 -31.45 17.21 2.37
N PRO A 225 -31.40 18.25 1.52
CA PRO A 225 -32.18 19.47 1.75
C PRO A 225 -33.68 19.19 1.67
N MSE B 1 33.26 2.80 -6.94
CA MSE B 1 32.35 1.65 -6.69
C MSE B 1 30.87 2.03 -6.68
O MSE B 1 30.50 3.13 -6.26
CB MSE B 1 32.66 0.99 -5.35
CG MSE B 1 33.77 -0.04 -5.39
SE MSE B 1 33.78 -1.02 -3.74
CE MSE B 1 32.60 -2.49 -4.23
N ARG B 2 30.05 1.10 -7.12
CA ARG B 2 28.61 1.28 -7.16
C ARG B 2 28.02 0.07 -6.47
N ILE B 3 27.18 0.31 -5.47
CA ILE B 3 26.57 -0.79 -4.73
C ILE B 3 25.05 -0.73 -4.78
N VAL B 4 24.41 -1.89 -4.79
CA VAL B 4 22.96 -1.96 -4.82
C VAL B 4 22.45 -2.81 -3.67
N PHE B 5 21.78 -2.15 -2.72
CA PHE B 5 21.22 -2.81 -1.54
C PHE B 5 19.82 -3.36 -1.78
N ASP B 6 19.65 -4.65 -1.49
CA ASP B 6 18.38 -5.34 -1.67
C ASP B 6 17.79 -5.61 -0.28
N ILE B 7 17.25 -4.56 0.32
CA ILE B 7 16.66 -4.65 1.65
C ILE B 7 15.32 -5.36 1.74
N GLY B 8 15.27 -6.42 2.54
CA GLY B 8 14.02 -7.15 2.71
C GLY B 8 12.97 -6.29 3.38
N GLY B 9 11.73 -6.44 2.95
CA GLY B 9 10.65 -5.66 3.53
C GLY B 9 10.43 -6.02 4.97
N SER B 10 10.42 -7.33 5.23
CA SER B 10 10.23 -7.88 6.56
C SER B 10 11.35 -7.45 7.50
N VAL B 11 12.42 -6.90 6.94
CA VAL B 11 13.54 -6.45 7.73
C VAL B 11 13.37 -4.96 8.05
N LEU B 12 12.83 -4.21 7.09
CA LEU B 12 12.61 -2.78 7.27
C LEU B 12 11.28 -2.51 7.96
N VAL B 13 10.29 -3.34 7.64
CA VAL B 13 8.96 -3.22 8.22
C VAL B 13 8.50 -4.61 8.66
N PRO B 14 9.09 -5.15 9.73
CA PRO B 14 8.79 -6.47 10.27
C PRO B 14 7.31 -6.83 10.25
N GLU B 15 6.65 -6.55 11.36
CA GLU B 15 5.22 -6.79 11.55
C GLU B 15 4.70 -5.40 11.89
N ASN B 16 5.63 -4.60 12.40
CA ASN B 16 5.39 -3.23 12.80
C ASN B 16 6.77 -2.59 13.03
N PRO B 17 7.25 -1.82 12.04
CA PRO B 17 8.50 -1.08 11.93
C PRO B 17 9.40 -0.86 13.16
N ASP B 18 10.68 -1.13 12.96
CA ASP B 18 11.71 -0.94 13.98
C ASP B 18 12.31 0.44 13.73
N ILE B 19 11.57 1.48 14.12
CA ILE B 19 12.04 2.85 13.93
C ILE B 19 13.55 2.97 14.15
N ASP B 20 14.02 2.31 15.19
CA ASP B 20 15.44 2.31 15.54
C ASP B 20 16.28 1.80 14.37
N PHE B 21 16.03 0.57 13.96
CA PHE B 21 16.77 -0.03 12.86
C PHE B 21 16.69 0.84 11.61
N ILE B 22 15.48 1.27 11.28
CA ILE B 22 15.27 2.10 10.10
C ILE B 22 16.20 3.31 10.10
N LYS B 23 16.30 4.00 11.23
CA LYS B 23 17.18 5.16 11.30
C LYS B 23 18.62 4.69 11.12
N GLU B 24 18.97 3.60 11.81
CA GLU B 24 20.30 3.00 11.76
C GLU B 24 20.70 2.66 10.34
N ILE B 25 19.82 1.95 9.63
CA ILE B 25 20.08 1.54 8.26
C ILE B 25 20.10 2.73 7.29
N ALA B 26 19.22 3.69 7.54
CA ALA B 26 19.13 4.89 6.70
C ALA B 26 20.42 5.69 6.83
N TYR B 27 20.83 5.94 8.08
CA TYR B 27 22.06 6.70 8.33
C TYR B 27 23.21 6.02 7.60
N GLN B 28 23.40 4.74 7.91
CA GLN B 28 24.45 3.94 7.29
C GLN B 28 24.49 4.23 5.79
N LEU B 29 23.35 4.06 5.13
CA LEU B 29 23.23 4.29 3.70
C LEU B 29 23.74 5.70 3.36
N THR B 30 23.40 6.67 4.20
CA THR B 30 23.82 8.04 3.97
C THR B 30 25.35 8.09 3.96
N LYS B 31 25.98 7.50 4.97
CA LYS B 31 27.44 7.50 5.04
C LYS B 31 28.04 6.81 3.83
N VAL B 32 27.62 5.57 3.60
CA VAL B 32 28.11 4.79 2.47
C VAL B 32 28.00 5.58 1.17
N SER B 33 26.86 6.23 0.98
CA SER B 33 26.62 7.01 -0.24
C SER B 33 27.53 8.23 -0.37
N GLU B 34 28.29 8.53 0.68
CA GLU B 34 29.21 9.67 0.67
C GLU B 34 30.39 9.45 -0.26
N ASP B 35 30.86 8.21 -0.30
CA ASP B 35 31.99 7.86 -1.15
C ASP B 35 31.64 6.63 -1.98
N HIS B 36 30.36 6.50 -2.31
CA HIS B 36 29.87 5.40 -3.10
C HIS B 36 28.59 5.82 -3.82
N GLU B 37 28.23 5.08 -4.85
CA GLU B 37 27.01 5.34 -5.60
C GLU B 37 26.02 4.31 -5.07
N VAL B 38 25.07 4.76 -4.28
CA VAL B 38 24.09 3.88 -3.66
C VAL B 38 22.68 3.89 -4.23
N ALA B 39 22.20 2.70 -4.56
CA ALA B 39 20.85 2.49 -5.09
C ALA B 39 20.22 1.50 -4.12
N VAL B 40 18.93 1.67 -3.83
CA VAL B 40 18.27 0.77 -2.89
C VAL B 40 16.90 0.28 -3.35
N VAL B 41 16.72 -1.04 -3.39
CA VAL B 41 15.44 -1.65 -3.77
C VAL B 41 14.87 -2.27 -2.49
N VAL B 42 13.59 -2.00 -2.21
CA VAL B 42 12.97 -2.51 -0.98
C VAL B 42 11.84 -3.54 -1.19
N GLY B 43 11.64 -4.38 -0.17
CA GLY B 43 10.60 -5.41 -0.23
C GLY B 43 9.26 -5.02 0.40
N GLY B 44 8.25 -5.87 0.23
CA GLY B 44 6.93 -5.62 0.77
C GLY B 44 6.65 -6.42 2.03
N GLY B 45 7.43 -7.49 2.22
CA GLY B 45 7.30 -8.35 3.38
C GLY B 45 6.01 -9.11 3.59
N LYS B 46 5.74 -9.35 4.87
CA LYS B 46 4.58 -10.08 5.31
C LYS B 46 3.33 -9.37 4.88
N LEU B 47 3.33 -8.05 5.02
CA LEU B 47 2.18 -7.25 4.64
C LEU B 47 1.74 -7.52 3.21
N ALA B 48 2.71 -7.56 2.31
CA ALA B 48 2.42 -7.83 0.90
C ALA B 48 1.75 -9.18 0.76
N ARG B 49 2.38 -10.21 1.31
CA ARG B 49 1.84 -11.56 1.26
C ARG B 49 0.38 -11.64 1.67
N LYS B 50 0.02 -10.99 2.78
CA LYS B 50 -1.36 -10.99 3.23
C LYS B 50 -2.26 -10.47 2.12
N TYR B 51 -2.03 -9.22 1.71
CA TYR B 51 -2.82 -8.60 0.67
C TYR B 51 -2.87 -9.45 -0.58
N ILE B 52 -1.75 -10.08 -0.91
CA ILE B 52 -1.71 -10.92 -2.09
C ILE B 52 -2.55 -12.17 -1.87
N GLU B 53 -2.51 -12.72 -0.65
CA GLU B 53 -3.29 -13.93 -0.32
C GLU B 53 -4.77 -13.63 -0.45
N VAL B 54 -5.17 -12.44 0.00
CA VAL B 54 -6.56 -12.05 -0.10
C VAL B 54 -6.92 -12.12 -1.60
N ALA B 55 -6.08 -11.51 -2.43
CA ALA B 55 -6.34 -11.51 -3.87
C ALA B 55 -6.42 -12.94 -4.36
N GLU B 56 -5.52 -13.77 -3.84
CA GLU B 56 -5.47 -15.19 -4.19
C GLU B 56 -6.83 -15.84 -3.95
N LYS B 57 -7.44 -15.48 -2.83
CA LYS B 57 -8.75 -16.00 -2.47
C LYS B 57 -9.81 -15.70 -3.52
N PHE B 58 -9.74 -14.52 -4.13
CA PHE B 58 -10.72 -14.17 -5.16
C PHE B 58 -10.21 -14.51 -6.56
N ASN B 59 -9.38 -15.55 -6.63
CA ASN B 59 -8.82 -16.03 -7.88
C ASN B 59 -8.34 -14.97 -8.85
N SER B 60 -7.72 -13.91 -8.34
CA SER B 60 -7.22 -12.85 -9.20
C SER B 60 -5.95 -13.31 -9.91
N SER B 61 -5.75 -12.83 -11.12
CA SER B 61 -4.58 -13.20 -11.92
C SER B 61 -3.24 -12.94 -11.26
N GLU B 62 -2.19 -13.46 -11.87
CA GLU B 62 -0.84 -13.28 -11.38
C GLU B 62 -0.45 -11.82 -11.48
N THR B 63 -0.73 -11.22 -12.63
CA THR B 63 -0.42 -9.82 -12.87
C THR B 63 -1.03 -8.89 -11.82
N PHE B 64 -2.33 -9.06 -11.58
CA PHE B 64 -3.00 -8.22 -10.61
C PHE B 64 -2.37 -8.43 -9.24
N LYS B 65 -2.13 -9.70 -8.89
CA LYS B 65 -1.50 -10.00 -7.61
C LYS B 65 -0.16 -9.28 -7.46
N ASP B 66 0.59 -9.20 -8.57
CA ASP B 66 1.88 -8.50 -8.55
C ASP B 66 1.69 -7.00 -8.40
N PHE B 67 0.66 -6.46 -9.04
CA PHE B 67 0.41 -5.02 -8.90
C PHE B 67 0.26 -4.71 -7.42
N ILE B 68 -0.55 -5.49 -6.72
CA ILE B 68 -0.75 -5.28 -5.29
C ILE B 68 0.59 -5.35 -4.57
N GLY B 69 1.39 -6.35 -4.93
CA GLY B 69 2.71 -6.50 -4.32
C GLY B 69 3.52 -5.24 -4.53
N ILE B 70 3.66 -4.83 -5.78
CA ILE B 70 4.42 -3.63 -6.13
C ILE B 70 3.93 -2.44 -5.31
N GLN B 71 2.61 -2.23 -5.36
CA GLN B 71 1.97 -1.13 -4.66
C GLN B 71 2.40 -1.06 -3.20
N ILE B 72 2.57 -2.21 -2.55
CA ILE B 72 2.97 -2.19 -1.16
C ILE B 72 4.45 -1.93 -0.96
N THR B 73 5.28 -2.55 -1.79
CA THR B 73 6.71 -2.38 -1.68
C THR B 73 7.03 -0.89 -1.74
N ARG B 74 6.31 -0.17 -2.60
CA ARG B 74 6.53 1.25 -2.76
C ARG B 74 6.04 2.06 -1.57
N ALA B 75 5.18 1.46 -0.75
CA ALA B 75 4.71 2.14 0.44
C ALA B 75 5.93 2.18 1.35
N ASN B 76 6.52 1.00 1.53
CA ASN B 76 7.72 0.86 2.35
C ASN B 76 8.82 1.76 1.80
N ALA B 77 9.05 1.67 0.49
CA ALA B 77 10.06 2.49 -0.17
C ALA B 77 9.99 3.91 0.38
N MSE B 78 8.78 4.39 0.59
CA MSE B 78 8.54 5.73 1.11
C MSE B 78 9.19 5.93 2.47
O MSE B 78 10.00 6.82 2.66
CB MSE B 78 7.04 5.98 1.21
CG MSE B 78 6.34 6.05 -0.13
SE MSE B 78 6.47 7.78 -1.00
CE MSE B 78 8.39 7.88 -1.29
N LEU B 79 8.83 5.06 3.41
CA LEU B 79 9.37 5.17 4.75
C LEU B 79 10.88 5.35 4.77
N LEU B 80 11.60 4.63 3.92
CA LEU B 80 13.06 4.75 3.87
C LEU B 80 13.42 6.15 3.44
N ILE B 81 12.80 6.60 2.36
CA ILE B 81 13.04 7.93 1.84
C ILE B 81 12.79 8.95 2.97
N ALA B 82 11.68 8.80 3.67
CA ALA B 82 11.36 9.69 4.78
C ALA B 82 12.55 9.69 5.75
N ALA B 83 13.18 8.53 5.88
CA ALA B 83 14.32 8.37 6.77
C ALA B 83 15.62 8.90 6.15
N LEU B 84 15.78 8.76 4.84
CA LEU B 84 17.00 9.24 4.19
C LEU B 84 17.01 10.74 4.07
N ARG B 85 15.90 11.37 4.46
CA ARG B 85 15.78 12.82 4.43
C ARG B 85 16.18 13.47 3.11
N GLU B 86 17.11 14.42 3.20
CA GLU B 86 17.57 15.18 2.05
C GLU B 86 18.66 14.53 1.19
N LYS B 87 18.96 13.26 1.44
CA LYS B 87 19.98 12.60 0.63
C LYS B 87 19.39 11.68 -0.43
N ALA B 88 18.16 11.25 -0.19
CA ALA B 88 17.45 10.36 -1.09
C ALA B 88 16.66 11.14 -2.14
N TYR B 89 16.20 10.41 -3.15
CA TYR B 89 15.37 10.98 -4.19
C TYR B 89 14.06 11.21 -3.45
N PRO B 90 13.31 12.27 -3.79
CA PRO B 90 12.04 12.52 -3.07
C PRO B 90 10.93 11.49 -3.35
N VAL B 91 10.92 10.95 -4.57
CA VAL B 91 9.91 9.99 -4.98
C VAL B 91 10.44 8.57 -5.03
N VAL B 92 9.54 7.60 -4.94
CA VAL B 92 9.94 6.21 -5.05
C VAL B 92 10.25 6.06 -6.53
N VAL B 93 11.30 5.33 -6.87
CA VAL B 93 11.65 5.14 -8.27
C VAL B 93 10.93 3.93 -8.84
N GLU B 94 10.51 4.05 -10.10
CA GLU B 94 9.78 2.98 -10.75
C GLU B 94 10.53 2.31 -11.90
N ASP B 95 11.37 3.07 -12.59
CA ASP B 95 12.14 2.50 -13.68
C ASP B 95 13.62 2.79 -13.45
N PHE B 96 14.48 2.03 -14.10
CA PHE B 96 15.92 2.19 -13.93
C PHE B 96 16.51 3.51 -14.42
N TRP B 97 15.94 4.07 -15.47
CA TRP B 97 16.43 5.33 -16.00
C TRP B 97 16.32 6.41 -14.94
N GLU B 98 15.18 6.40 -14.26
N GLU B 98 15.19 6.41 -14.25
CA GLU B 98 14.90 7.33 -13.18
CA GLU B 98 14.97 7.40 -13.19
C GLU B 98 15.92 7.11 -12.08
C GLU B 98 15.97 7.12 -12.07
N ALA B 99 16.25 5.85 -11.83
CA ALA B 99 17.21 5.46 -10.80
C ALA B 99 18.58 5.98 -11.21
N TRP B 100 18.84 5.96 -12.52
CA TRP B 100 20.10 6.43 -13.06
C TRP B 100 20.25 7.94 -12.79
N LYS B 101 19.18 8.68 -13.05
CA LYS B 101 19.17 10.13 -12.80
C LYS B 101 19.53 10.40 -11.35
N ALA B 102 18.79 9.77 -10.44
CA ALA B 102 19.04 9.94 -9.02
C ALA B 102 20.55 9.88 -8.77
N VAL B 103 21.20 8.91 -9.39
CA VAL B 103 22.64 8.75 -9.22
C VAL B 103 23.38 10.01 -9.67
N GLN B 104 22.94 10.60 -10.76
CA GLN B 104 23.57 11.81 -11.28
C GLN B 104 23.38 12.95 -10.30
N LEU B 105 22.14 13.18 -9.89
CA LEU B 105 21.88 14.25 -8.91
C LEU B 105 22.52 13.88 -7.57
N LYS B 106 23.34 12.82 -7.58
CA LYS B 106 24.02 12.35 -6.37
C LYS B 106 23.04 12.21 -5.21
N LYS B 107 21.91 11.58 -5.51
CA LYS B 107 20.86 11.34 -4.54
C LYS B 107 20.63 9.83 -4.56
N ILE B 108 20.10 9.29 -3.48
CA ILE B 108 19.85 7.85 -3.42
C ILE B 108 18.45 7.47 -3.91
N PRO B 109 18.36 6.77 -5.05
CA PRO B 109 17.07 6.34 -5.60
C PRO B 109 16.54 5.13 -4.86
N VAL B 110 15.40 5.25 -4.20
CA VAL B 110 14.84 4.11 -3.48
C VAL B 110 13.68 3.55 -4.29
N MSE B 111 13.79 2.28 -4.66
CA MSE B 111 12.77 1.60 -5.46
C MSE B 111 11.98 0.50 -4.76
O MSE B 111 12.46 -0.14 -3.82
CB MSE B 111 13.39 0.96 -6.69
CG MSE B 111 14.01 1.86 -7.70
SE MSE B 111 14.73 0.76 -9.11
CE MSE B 111 13.30 0.92 -10.40
N GLY B 112 10.76 0.31 -5.24
CA GLY B 112 9.92 -0.75 -4.75
C GLY B 112 9.99 -1.71 -5.93
N GLY B 113 8.87 -2.30 -6.33
CA GLY B 113 8.91 -3.17 -7.48
C GLY B 113 8.87 -2.26 -8.70
N THR B 114 8.99 -2.82 -9.90
CA THR B 114 8.94 -2.00 -11.11
C THR B 114 7.68 -2.35 -11.88
N HIS B 115 7.55 -3.62 -12.25
CA HIS B 115 6.39 -4.10 -12.98
C HIS B 115 6.21 -5.58 -12.68
N PRO B 116 5.04 -6.14 -13.02
CA PRO B 116 4.76 -7.56 -12.76
C PRO B 116 5.80 -8.52 -13.35
N GLY B 117 5.95 -9.68 -12.70
CA GLY B 117 6.88 -10.66 -13.19
C GLY B 117 8.30 -10.47 -12.70
N HIS B 118 8.47 -9.66 -11.67
CA HIS B 118 9.80 -9.43 -11.12
C HIS B 118 9.82 -9.29 -9.60
N THR B 119 10.34 -10.32 -8.95
CA THR B 119 10.46 -10.31 -7.49
C THR B 119 11.46 -9.22 -7.14
N THR B 120 11.40 -8.74 -5.89
CA THR B 120 12.30 -7.69 -5.44
C THR B 120 13.76 -8.03 -5.72
N ASP B 121 14.19 -9.24 -5.32
CA ASP B 121 15.56 -9.66 -5.56
C ASP B 121 15.90 -9.43 -7.03
N ALA B 122 15.12 -10.03 -7.92
CA ALA B 122 15.31 -9.90 -9.36
C ALA B 122 15.48 -8.43 -9.75
N VAL B 123 14.49 -7.61 -9.41
CA VAL B 123 14.54 -6.19 -9.71
C VAL B 123 15.88 -5.59 -9.29
N ALA B 124 16.33 -5.94 -8.10
CA ALA B 124 17.61 -5.44 -7.60
C ALA B 124 18.76 -5.88 -8.51
N ALA B 125 18.90 -7.18 -8.69
CA ALA B 125 19.95 -7.74 -9.54
C ALA B 125 19.96 -7.07 -10.91
N LEU B 126 18.80 -7.02 -11.56
CA LEU B 126 18.72 -6.40 -12.87
C LEU B 126 19.15 -4.94 -12.80
N LEU B 127 18.88 -4.31 -11.67
CA LEU B 127 19.25 -2.92 -11.46
C LEU B 127 20.77 -2.84 -11.37
N ALA B 128 21.35 -3.70 -10.55
CA ALA B 128 22.80 -3.74 -10.37
C ALA B 128 23.51 -3.90 -11.71
N GLU B 129 22.91 -4.69 -12.61
CA GLU B 129 23.47 -4.93 -13.94
C GLU B 129 23.26 -3.69 -14.80
N PHE B 130 22.09 -3.09 -14.65
CA PHE B 130 21.77 -1.91 -15.41
C PHE B 130 22.78 -0.83 -15.11
N LEU B 131 22.90 -0.47 -13.83
CA LEU B 131 23.82 0.57 -13.38
C LEU B 131 25.27 0.12 -13.35
N LYS B 132 25.55 -1.11 -13.73
CA LYS B 132 26.91 -1.59 -13.70
C LYS B 132 27.45 -1.48 -12.27
N ALA B 133 26.69 -2.01 -11.32
CA ALA B 133 27.10 -1.97 -9.92
C ALA B 133 28.25 -2.95 -9.71
N ASP B 134 29.03 -2.72 -8.66
CA ASP B 134 30.16 -3.59 -8.34
C ASP B 134 29.77 -4.68 -7.36
N LEU B 135 28.83 -4.37 -6.47
CA LEU B 135 28.37 -5.33 -5.47
C LEU B 135 26.86 -5.26 -5.29
N LEU B 136 26.28 -6.39 -4.90
CA LEU B 136 24.85 -6.49 -4.65
C LEU B 136 24.67 -7.02 -3.24
N VAL B 137 24.26 -6.15 -2.33
CA VAL B 137 24.07 -6.54 -0.95
C VAL B 137 22.63 -6.91 -0.66
N VAL B 138 22.39 -8.19 -0.41
CA VAL B 138 21.06 -8.68 -0.12
C VAL B 138 20.82 -8.80 1.38
N ILE B 139 20.13 -7.82 1.94
CA ILE B 139 19.83 -7.85 3.36
C ILE B 139 18.49 -8.56 3.55
N THR B 140 18.54 -9.87 3.71
CA THR B 140 17.31 -10.64 3.89
C THR B 140 17.01 -10.80 5.38
N ASN B 141 15.99 -11.58 5.70
CA ASN B 141 15.63 -11.78 7.10
C ASN B 141 16.32 -12.98 7.71
N VAL B 142 17.32 -13.52 7.01
CA VAL B 142 18.05 -14.68 7.51
C VAL B 142 19.54 -14.37 7.65
N ASP B 143 20.21 -15.12 8.51
CA ASP B 143 21.63 -14.94 8.76
C ASP B 143 22.50 -15.05 7.50
N GLY B 144 22.15 -15.97 6.62
CA GLY B 144 22.91 -16.16 5.39
C GLY B 144 22.31 -17.26 4.53
N VAL B 145 23.08 -17.73 3.55
CA VAL B 145 22.59 -18.80 2.67
C VAL B 145 22.99 -20.17 3.23
N TYR B 146 22.05 -20.80 3.92
CA TYR B 146 22.27 -22.11 4.51
C TYR B 146 22.09 -23.22 3.49
N THR B 147 22.69 -24.38 3.78
CA THR B 147 22.59 -25.53 2.89
C THR B 147 21.13 -25.95 2.71
N ALA B 148 20.26 -25.38 3.53
CA ALA B 148 18.83 -25.69 3.46
C ALA B 148 18.07 -24.75 4.38
N ASP B 149 16.79 -24.52 4.04
CA ASP B 149 15.93 -23.65 4.83
C ASP B 149 16.05 -24.00 6.31
N PRO B 150 16.70 -23.13 7.10
CA PRO B 150 16.88 -23.36 8.53
C PRO B 150 15.60 -23.84 9.21
N LYS B 151 14.50 -23.14 8.95
CA LYS B 151 13.22 -23.50 9.55
C LYS B 151 12.78 -24.91 9.13
N LYS B 152 13.43 -25.45 8.11
CA LYS B 152 13.09 -26.78 7.60
C LYS B 152 14.04 -27.90 8.05
N ASP B 153 15.26 -27.91 7.50
CA ASP B 153 16.24 -28.94 7.83
C ASP B 153 17.36 -28.42 8.76
N PRO B 154 17.13 -28.47 10.09
CA PRO B 154 18.09 -28.02 11.09
C PRO B 154 19.46 -28.68 10.98
N THR B 155 19.61 -29.62 10.05
CA THR B 155 20.89 -30.27 9.86
C THR B 155 21.72 -29.35 9.00
N ALA B 156 21.31 -28.09 8.96
CA ALA B 156 22.00 -27.11 8.13
C ALA B 156 22.71 -26.02 8.92
N LYS B 157 23.69 -25.41 8.25
CA LYS B 157 24.50 -24.33 8.74
C LYS B 157 24.68 -23.50 7.48
N LYS B 158 25.29 -22.33 7.60
CA LYS B 158 25.45 -21.51 6.41
C LYS B 158 26.68 -21.91 5.59
N ILE B 159 27.01 -21.09 4.60
CA ILE B 159 28.15 -21.32 3.73
C ILE B 159 28.74 -19.95 3.44
N LYS B 160 29.80 -19.60 4.14
CA LYS B 160 30.43 -18.29 3.98
C LYS B 160 30.61 -17.79 2.55
N LYS B 161 30.89 -18.69 1.62
CA LYS B 161 31.07 -18.29 0.22
C LYS B 161 30.60 -19.39 -0.71
N MSE B 162 30.66 -19.12 -2.02
CA MSE B 162 30.22 -20.10 -3.02
C MSE B 162 30.16 -19.52 -4.43
O MSE B 162 30.37 -18.33 -4.66
CB MSE B 162 28.85 -20.65 -2.67
CG MSE B 162 27.72 -19.70 -3.01
SE MSE B 162 26.18 -20.11 -1.98
CE MSE B 162 25.74 -21.82 -2.73
N LYS B 163 29.86 -20.40 -5.38
CA LYS B 163 29.74 -20.02 -6.78
C LYS B 163 28.27 -19.81 -7.10
N PRO B 164 27.97 -18.95 -8.08
CA PRO B 164 26.59 -18.67 -8.48
C PRO B 164 25.85 -19.97 -8.79
N GLU B 165 26.58 -20.93 -9.33
CA GLU B 165 26.04 -22.22 -9.70
C GLU B 165 25.59 -22.96 -8.44
N GLU B 166 26.37 -22.80 -7.37
CA GLU B 166 26.04 -23.43 -6.10
C GLU B 166 24.74 -22.86 -5.55
N LEU B 167 24.55 -21.55 -5.75
CA LEU B 167 23.35 -20.88 -5.27
C LEU B 167 22.11 -21.44 -5.96
N LEU B 168 22.16 -21.51 -7.29
CA LEU B 168 21.04 -22.03 -8.07
C LEU B 168 20.54 -23.38 -7.59
N GLU B 169 21.42 -24.16 -6.98
CA GLU B 169 21.05 -25.48 -6.50
C GLU B 169 20.43 -25.46 -5.09
N ILE B 170 20.90 -24.55 -4.25
CA ILE B 170 20.37 -24.45 -2.89
C ILE B 170 18.93 -23.92 -2.92
N VAL B 171 18.56 -23.26 -4.01
CA VAL B 171 17.23 -22.70 -4.16
C VAL B 171 16.40 -23.43 -5.21
N GLY B 172 16.87 -24.61 -5.62
CA GLY B 172 16.17 -25.39 -6.61
C GLY B 172 16.01 -24.69 -7.96
N LYS B 173 16.80 -25.12 -8.93
CA LYS B 173 16.77 -24.53 -10.26
C LYS B 173 15.63 -25.14 -11.11
N GLY B 174 14.46 -25.35 -10.51
CA GLY B 174 13.32 -25.91 -11.24
C GLY B 174 12.51 -24.80 -11.89
N ILE B 175 12.35 -24.85 -13.22
CA ILE B 175 11.63 -23.78 -13.95
C ILE B 175 10.22 -23.49 -13.47
N GLU B 176 9.93 -23.92 -12.26
CA GLU B 176 8.63 -23.74 -11.63
C GLU B 176 8.80 -22.95 -10.34
N LYS B 177 10.02 -22.96 -9.80
CA LYS B 177 10.31 -22.23 -8.58
C LYS B 177 10.55 -20.76 -8.92
N ALA B 178 10.24 -20.41 -10.16
CA ALA B 178 10.38 -19.04 -10.63
C ALA B 178 9.25 -18.19 -10.07
N GLY B 179 9.60 -17.31 -9.14
CA GLY B 179 8.61 -16.45 -8.51
C GLY B 179 8.58 -16.64 -7.01
N SER B 180 9.19 -17.73 -6.55
CA SER B 180 9.25 -18.04 -5.13
C SER B 180 10.08 -16.99 -4.38
N SER B 181 10.08 -17.08 -3.05
CA SER B 181 10.82 -16.13 -2.22
C SER B 181 12.22 -16.63 -1.86
N SER B 182 12.29 -17.49 -0.86
CA SER B 182 13.55 -18.06 -0.39
C SER B 182 14.51 -16.94 0.05
N VAL B 183 15.68 -17.32 0.53
CA VAL B 183 16.68 -16.35 0.98
C VAL B 183 17.01 -15.44 -0.21
N ILE B 184 16.95 -16.01 -1.40
CA ILE B 184 17.20 -15.28 -2.64
C ILE B 184 16.33 -15.87 -3.74
N ASP B 185 15.48 -15.04 -4.32
CA ASP B 185 14.59 -15.48 -5.38
C ASP B 185 15.36 -16.27 -6.45
N PRO B 186 14.88 -17.48 -6.77
CA PRO B 186 15.47 -18.38 -7.78
C PRO B 186 15.86 -17.67 -9.07
N LEU B 187 14.90 -17.02 -9.70
CA LEU B 187 15.16 -16.31 -10.95
C LEU B 187 16.21 -15.24 -10.74
N ALA B 188 16.15 -14.54 -9.60
CA ALA B 188 17.13 -13.51 -9.29
C ALA B 188 18.52 -14.12 -9.31
N ALA B 189 18.65 -15.26 -8.62
CA ALA B 189 19.92 -15.98 -8.56
C ALA B 189 20.49 -16.26 -9.94
N LYS B 190 19.69 -16.90 -10.80
CA LYS B 190 20.16 -17.23 -12.13
C LYS B 190 20.60 -15.95 -12.86
N ILE B 191 19.98 -14.82 -12.51
CA ILE B 191 20.35 -13.56 -13.15
C ILE B 191 21.76 -13.20 -12.70
N ILE B 192 22.03 -13.40 -11.42
CA ILE B 192 23.35 -13.14 -10.84
C ILE B 192 24.37 -14.09 -11.45
N ALA B 193 23.93 -15.32 -11.70
CA ALA B 193 24.78 -16.34 -12.28
C ALA B 193 25.40 -15.88 -13.60
N ARG B 194 24.56 -15.38 -14.51
CA ARG B 194 25.05 -14.93 -15.81
C ARG B 194 25.69 -13.56 -15.76
N SER B 195 25.36 -12.77 -14.74
CA SER B 195 25.95 -11.44 -14.61
C SER B 195 27.23 -11.53 -13.78
N GLY B 196 27.31 -12.58 -12.96
CA GLY B 196 28.48 -12.81 -12.13
C GLY B 196 28.91 -11.64 -11.27
N ILE B 197 27.94 -10.88 -10.76
CA ILE B 197 28.24 -9.74 -9.91
C ILE B 197 28.25 -10.16 -8.45
N LYS B 198 29.36 -9.87 -7.77
CA LYS B 198 29.52 -10.21 -6.36
C LYS B 198 28.27 -9.89 -5.56
N THR B 199 27.75 -10.88 -4.86
CA THR B 199 26.56 -10.70 -4.06
C THR B 199 26.72 -11.18 -2.63
N ILE B 200 26.47 -10.28 -1.68
CA ILE B 200 26.56 -10.60 -0.28
C ILE B 200 25.15 -10.79 0.27
N VAL B 201 24.99 -11.75 1.19
CA VAL B 201 23.70 -12.02 1.79
C VAL B 201 23.89 -11.99 3.29
N ILE B 202 23.24 -11.03 3.96
CA ILE B 202 23.36 -10.91 5.40
C ILE B 202 22.01 -10.79 6.07
N GLY B 203 22.04 -10.56 7.38
CA GLY B 203 20.81 -10.41 8.15
C GLY B 203 20.77 -9.01 8.72
N LYS B 204 19.75 -8.70 9.53
CA LYS B 204 19.63 -7.36 10.08
C LYS B 204 20.78 -7.03 11.03
N GLU B 205 21.35 -8.06 11.65
CA GLU B 205 22.46 -7.86 12.59
C GLU B 205 23.68 -7.28 11.88
N ASP B 206 24.18 -7.97 10.87
CA ASP B 206 25.33 -7.48 10.12
C ASP B 206 24.92 -6.19 9.44
N ALA B 207 23.65 -6.13 9.05
CA ALA B 207 23.10 -4.97 8.36
C ALA B 207 23.29 -3.68 9.14
N LYS B 208 23.51 -3.79 10.44
CA LYS B 208 23.72 -2.62 11.28
C LYS B 208 25.01 -1.86 10.94
N ASP B 209 25.99 -2.57 10.39
CA ASP B 209 27.25 -1.93 10.01
C ASP B 209 27.55 -2.28 8.56
N LEU B 210 27.12 -1.41 7.66
CA LEU B 210 27.32 -1.63 6.24
C LEU B 210 28.76 -1.47 5.82
N PHE B 211 29.47 -0.50 6.41
CA PHE B 211 30.87 -0.30 6.06
C PHE B 211 31.65 -1.58 6.28
N ARG B 212 31.44 -2.20 7.42
CA ARG B 212 32.12 -3.46 7.71
C ARG B 212 31.62 -4.50 6.73
N VAL B 213 30.31 -4.48 6.47
CA VAL B 213 29.70 -5.43 5.56
C VAL B 213 30.27 -5.33 4.15
N ILE B 214 30.12 -4.17 3.52
CA ILE B 214 30.62 -4.01 2.17
C ILE B 214 32.13 -4.18 2.11
N LYS B 215 32.79 -4.04 3.24
CA LYS B 215 34.23 -4.22 3.27
C LYS B 215 34.58 -5.65 3.63
N GLY B 216 33.77 -6.58 3.14
CA GLY B 216 33.99 -7.99 3.36
C GLY B 216 33.88 -8.56 4.76
N ASP B 217 33.87 -7.70 5.77
CA ASP B 217 33.78 -8.19 7.15
C ASP B 217 32.33 -8.36 7.60
N HIS B 218 31.85 -9.61 7.56
CA HIS B 218 30.48 -9.92 7.96
C HIS B 218 30.33 -11.43 8.20
N ASN B 219 29.10 -11.87 8.46
CA ASN B 219 28.87 -13.28 8.73
C ASN B 219 27.81 -13.92 7.85
N GLY B 220 27.61 -13.34 6.67
CA GLY B 220 26.64 -13.86 5.73
C GLY B 220 27.36 -14.60 4.62
N THR B 221 26.69 -14.76 3.49
CA THR B 221 27.27 -15.44 2.33
C THR B 221 27.74 -14.45 1.26
N THR B 222 28.91 -14.69 0.69
CA THR B 222 29.44 -13.80 -0.35
C THR B 222 29.52 -14.56 -1.66
N ILE B 223 28.38 -14.66 -2.33
CA ILE B 223 28.23 -15.35 -3.59
C ILE B 223 28.92 -14.63 -4.75
N GLU B 224 29.62 -15.39 -5.58
CA GLU B 224 30.34 -14.84 -6.73
C GLU B 224 30.99 -15.97 -7.53
N PRO B 225 31.55 -15.66 -8.71
CA PRO B 225 32.21 -16.68 -9.54
C PRO B 225 33.44 -17.29 -8.86
PG ANP C . -11.30 5.50 7.15
O1G ANP C . -11.77 5.92 5.82
O2G ANP C . -10.75 6.53 8.08
O3G ANP C . -10.21 4.36 6.98
PB ANP C . -13.77 5.68 8.81
O1B ANP C . -13.82 7.02 8.21
O2B ANP C . -14.92 4.81 8.67
N3B ANP C . -12.48 5.04 8.22
PA ANP C . -13.81 7.18 11.32
O1A ANP C . -13.01 6.71 12.49
O2A ANP C . -13.12 8.39 10.87
O3A ANP C . -13.76 5.88 10.40
O5' ANP C . -15.35 7.54 11.77
C5' ANP C . -16.07 7.51 12.94
C4' ANP C . -15.77 7.77 14.23
O4' ANP C . -16.35 9.00 14.27
C3' ANP C . -16.46 6.94 15.35
O3' ANP C . -16.10 5.63 15.65
C2' ANP C . -16.45 8.11 16.46
O2' ANP C . -15.21 7.86 17.37
C1' ANP C . -16.37 9.42 15.66
N9 ANP C . -17.42 10.43 15.90
C8 ANP C . -17.41 11.66 16.41
N7 ANP C . -18.47 12.35 16.52
C5 ANP C . -19.34 11.50 16.02
C6 ANP C . -20.75 11.65 15.84
N6 ANP C . -21.28 12.81 16.22
N1 ANP C . -21.49 10.60 15.30
C2 ANP C . -20.93 9.39 14.90
N3 ANP C . -19.52 9.20 15.06
C4 ANP C . -18.84 10.27 15.61
MG MG D . -15.21 8.76 7.47
PG ANP E . 10.67 -9.44 1.48
O1G ANP E . 11.50 -8.65 0.57
O2G ANP E . 9.99 -10.67 0.95
O3G ANP E . 9.58 -8.51 2.15
PB ANP E . 12.61 -11.33 2.68
O1B ANP E . 13.01 -11.53 1.27
O2B ANP E . 13.62 -10.96 3.65
N3B ANP E . 11.46 -10.29 2.65
PA ANP E . 12.14 -14.21 2.59
O1A ANP E . 11.01 -14.84 3.36
O2A ANP E . 11.75 -14.35 1.19
O3A ANP E . 12.18 -12.75 3.26
O5' ANP E . 13.55 -14.97 2.88
C5' ANP E . 13.97 -16.03 3.66
C4' ANP E . 13.41 -17.21 3.95
O4' ANP E . 14.14 -17.93 3.07
C3' ANP E . 13.71 -17.84 5.35
O3' ANP E . 13.12 -17.40 6.51
C2' ANP E . 13.60 -19.37 4.85
O2' ANP E . 12.15 -19.80 5.16
C1' ANP E . 13.90 -19.33 3.35
N9 ANP E . 14.99 -20.19 2.86
C8 ANP E . 15.02 -21.23 2.03
N7 ANP E . 16.12 -21.81 1.75
C5 ANP E . 16.95 -21.09 2.46
C6 ANP E . 18.37 -21.21 2.60
N6 ANP E . 18.95 -22.17 1.90
N1 ANP E . 19.05 -20.32 3.41
C2 ANP E . 18.43 -19.29 4.14
N3 ANP E . 17.03 -19.14 4.04
C4 ANP E . 16.40 -20.04 3.21
MG MG F . 13.50 -13.01 -0.81
#